data_5VNB
#
_entry.id   5VNB
#
_cell.length_a   70.790
_cell.length_b   80.305
_cell.length_c   121.663
_cell.angle_alpha   90.00
_cell.angle_beta   90.00
_cell.angle_gamma   90.00
#
_symmetry.space_group_name_H-M   'P 21 21 21'
#
loop_
_entity.id
_entity.type
_entity.pdbx_description
1 polymer 'YEATS domain-containing protein 4'
2 polymer 'H3K23acK27ac peptide'
3 non-polymer 1,2-ETHANEDIOL
4 non-polymer 'SULFATE ION'
5 water water
#
loop_
_entity_poly.entity_id
_entity_poly.type
_entity_poly.pdbx_seq_one_letter_code
_entity_poly.pdbx_strand_id
1 'polypeptide(L)'
;MFKRMAEFGPDSGGRVKGVTIVKPIVYGNVARYFGKKREEDGHTHQWTVYVKPYRNEDMSAYVKKIQFKLHESYGNPLRV
VTKPPYEITETGWGEFEIIIKIFFIDPNERPVTLYHLLKLFQSDTNAMLGKKTVVSEFYDEMIFQDPT
;
A,B,C,D
2 'polypeptide(L)' AT(ALY)AAR(ALY)SAP K
#
# COMPACT_ATOMS: atom_id res chain seq x y z
N VAL A 19 1.11 11.99 -7.14
CA VAL A 19 1.34 11.37 -8.49
C VAL A 19 0.64 9.99 -8.54
N THR A 20 -0.26 9.86 -9.52
CA THR A 20 -1.00 8.61 -9.79
C THR A 20 -0.17 7.68 -10.69
N ILE A 21 -0.13 6.40 -10.33
CA ILE A 21 0.76 5.42 -11.00
C ILE A 21 -0.02 4.18 -11.45
N VAL A 22 0.48 3.52 -12.52
CA VAL A 22 -0.05 2.22 -13.01
C VAL A 22 0.83 0.96 -12.76
N LYS A 23 0.24 -0.06 -12.15
CA LYS A 23 0.89 -1.34 -11.93
C LYS A 23 0.14 -2.49 -12.61
N PRO A 24 0.73 -3.08 -13.67
CA PRO A 24 0.11 -4.25 -14.27
C PRO A 24 0.13 -5.43 -13.30
N ILE A 25 -1.00 -6.13 -13.20
CA ILE A 25 -1.10 -7.34 -12.40
C ILE A 25 -1.62 -8.53 -13.28
N VAL A 26 -1.31 -9.74 -12.87
CA VAL A 26 -1.97 -10.93 -13.41
C VAL A 26 -2.76 -11.57 -12.30
N TYR A 27 -3.86 -12.22 -12.63
CA TYR A 27 -4.64 -12.88 -11.60
C TYR A 27 -5.33 -14.10 -12.15
N GLY A 28 -5.55 -15.08 -11.29
CA GLY A 28 -6.34 -16.24 -11.66
C GLY A 28 -5.99 -17.49 -10.88
N ASN A 29 -5.79 -18.62 -11.56
CA ASN A 29 -5.46 -19.84 -10.84
C ASN A 29 -4.79 -20.89 -11.69
N VAL A 30 -4.02 -21.73 -11.01
CA VAL A 30 -3.57 -22.99 -11.50
C VAL A 30 -4.29 -24.11 -10.76
N ALA A 31 -4.24 -25.31 -11.35
CA ALA A 31 -4.95 -26.47 -10.84
C ALA A 31 -4.32 -27.74 -11.41
N ARG A 32 -4.25 -28.74 -10.56
CA ARG A 32 -3.68 -30.00 -10.88
C ARG A 32 -4.67 -31.09 -10.47
N TYR A 33 -4.97 -31.99 -11.41
CA TYR A 33 -5.71 -33.24 -11.17
C TYR A 33 -4.89 -34.17 -10.27
N PHE A 34 -5.51 -34.74 -9.23
CA PHE A 34 -4.85 -35.79 -8.42
C PHE A 34 -4.55 -37.06 -9.27
N GLY A 35 -5.40 -37.36 -10.23
CA GLY A 35 -5.34 -38.64 -10.94
C GLY A 35 -6.58 -39.43 -10.57
N LYS A 36 -6.78 -39.62 -9.26
CA LYS A 36 -7.98 -40.26 -8.71
C LYS A 36 -8.50 -39.49 -7.51
N LYS A 37 -9.83 -39.43 -7.42
CA LYS A 37 -10.54 -38.77 -6.34
C LYS A 37 -10.06 -39.28 -4.97
N ARG A 38 -9.72 -38.36 -4.06
CA ARG A 38 -9.47 -38.70 -2.67
C ARG A 38 -10.78 -39.26 -2.02
N GLU A 39 -10.62 -40.34 -1.28
CA GLU A 39 -11.72 -41.17 -0.82
C GLU A 39 -12.50 -40.45 0.24
N GLU A 40 -11.79 -39.73 1.09
CA GLU A 40 -12.38 -39.07 2.23
C GLU A 40 -13.38 -37.94 1.91
N ASP A 41 -13.04 -37.11 0.91
CA ASP A 41 -13.89 -35.94 0.61
C ASP A 41 -14.25 -35.83 -0.89
N GLY A 42 -13.84 -36.80 -1.70
CA GLY A 42 -14.07 -36.76 -3.12
C GLY A 42 -13.34 -35.66 -3.86
N HIS A 43 -12.33 -35.05 -3.24
CA HIS A 43 -11.63 -33.97 -3.89
C HIS A 43 -10.84 -34.57 -4.99
N THR A 44 -10.81 -33.89 -6.14
CA THR A 44 -10.10 -34.36 -7.32
C THR A 44 -8.92 -33.53 -7.71
N HIS A 45 -8.83 -32.29 -7.18
CA HIS A 45 -7.78 -31.34 -7.57
C HIS A 45 -7.18 -30.55 -6.43
N GLN A 46 -5.94 -30.19 -6.64
CA GLN A 46 -5.29 -29.11 -5.91
C GLN A 46 -5.26 -27.88 -6.82
N TRP A 47 -5.41 -26.70 -6.21
CA TRP A 47 -5.49 -25.44 -6.94
C TRP A 47 -4.91 -24.28 -6.14
N THR A 48 -4.44 -23.28 -6.87
CA THR A 48 -3.92 -22.07 -6.23
C THR A 48 -4.48 -20.85 -6.93
N VAL A 49 -5.17 -20.01 -6.15
CA VAL A 49 -5.71 -18.79 -6.70
C VAL A 49 -4.74 -17.70 -6.31
N TYR A 50 -4.54 -16.71 -7.18
CA TYR A 50 -3.51 -15.72 -6.92
C TYR A 50 -3.75 -14.37 -7.56
N VAL A 51 -3.09 -13.37 -7.03
CA VAL A 51 -2.88 -12.09 -7.69
C VAL A 51 -1.38 -11.83 -7.69
N LYS A 52 -0.75 -11.50 -8.84
CA LYS A 52 0.71 -11.22 -8.84
C LYS A 52 0.97 -9.92 -9.54
N PRO A 53 2.03 -9.22 -9.16
CA PRO A 53 2.45 -8.23 -10.11
C PRO A 53 2.91 -8.88 -11.42
N TYR A 54 2.79 -8.18 -12.55
CA TYR A 54 3.35 -8.68 -13.79
C TYR A 54 4.89 -8.67 -13.68
N ARG A 55 5.47 -7.60 -13.20
CA ARG A 55 6.93 -7.52 -13.04
C ARG A 55 7.29 -8.09 -11.69
N ASN A 56 8.56 -8.41 -11.55
CA ASN A 56 9.06 -8.94 -10.31
C ASN A 56 9.27 -7.84 -9.30
N GLU A 57 8.22 -7.47 -8.59
CA GLU A 57 8.29 -6.47 -7.57
C GLU A 57 7.42 -6.81 -6.36
N ASP A 58 7.56 -5.99 -5.33
CA ASP A 58 6.89 -6.12 -4.05
C ASP A 58 5.76 -5.12 -4.05
N MET A 59 4.55 -5.61 -3.90
CA MET A 59 3.40 -4.77 -4.00
C MET A 59 2.92 -4.37 -2.62
N SER A 60 3.49 -4.95 -1.57
CA SER A 60 3.08 -4.60 -0.20
C SER A 60 3.42 -3.14 0.25
N ALA A 61 4.19 -2.43 -0.55
CA ALA A 61 4.32 -0.98 -0.52
C ALA A 61 3.01 -0.24 -0.72
N TYR A 62 2.12 -0.79 -1.56
CA TYR A 62 0.82 -0.18 -1.84
C TYR A 62 -0.41 -1.05 -1.51
N VAL A 63 -0.22 -2.36 -1.37
CA VAL A 63 -1.29 -3.25 -1.03
C VAL A 63 -1.24 -3.52 0.47
N LYS A 64 -2.32 -3.15 1.17
CA LYS A 64 -2.52 -3.55 2.56
C LYS A 64 -2.83 -5.04 2.62
N LYS A 65 -3.78 -5.48 1.80
CA LYS A 65 -4.26 -6.85 1.88
C LYS A 65 -5.04 -7.29 0.64
N ILE A 66 -5.13 -8.60 0.44
CA ILE A 66 -5.99 -9.12 -0.64
C ILE A 66 -6.85 -10.22 -0.08
N GLN A 67 -8.16 -10.07 -0.27
CA GLN A 67 -9.20 -11.03 0.16
C GLN A 67 -9.62 -11.94 -1.03
N PHE A 68 -9.69 -13.24 -0.79
CA PHE A 68 -10.21 -14.19 -1.77
C PHE A 68 -11.47 -14.83 -1.17
N LYS A 69 -12.64 -14.49 -1.72
CA LYS A 69 -13.88 -15.06 -1.23
C LYS A 69 -14.12 -16.36 -1.92
N LEU A 70 -13.92 -17.44 -1.19
CA LEU A 70 -14.13 -18.77 -1.69
C LEU A 70 -15.59 -19.19 -1.57
N HIS A 71 -15.89 -20.39 -2.05
CA HIS A 71 -17.28 -20.87 -2.06
C HIS A 71 -17.60 -21.27 -0.63
N GLU A 72 -18.86 -21.29 -0.28
CA GLU A 72 -19.33 -21.48 1.11
C GLU A 72 -19.08 -22.86 1.68
N SER A 73 -18.78 -23.82 0.82
CA SER A 73 -18.37 -25.16 1.26
C SER A 73 -16.95 -25.18 1.84
N TYR A 74 -16.23 -24.08 1.75
CA TYR A 74 -14.91 -23.97 2.34
C TYR A 74 -15.05 -23.34 3.71
N GLY A 75 -14.34 -23.88 4.70
CA GLY A 75 -14.10 -23.19 5.98
C GLY A 75 -13.49 -21.80 5.83
N ASN A 76 -14.06 -20.87 6.59
CA ASN A 76 -13.70 -19.45 6.65
C ASN A 76 -13.50 -18.96 5.26
N PRO A 77 -14.56 -19.03 4.46
CA PRO A 77 -14.38 -18.77 3.04
C PRO A 77 -13.80 -17.38 2.70
N LEU A 78 -13.83 -16.43 3.64
CA LEU A 78 -13.22 -15.12 3.35
C LEU A 78 -11.77 -15.17 3.77
N ARG A 79 -10.91 -15.40 2.79
CA ARG A 79 -9.50 -15.63 3.02
C ARG A 79 -8.78 -14.35 2.73
N VAL A 80 -7.84 -13.98 3.59
CA VAL A 80 -7.18 -12.69 3.59
C VAL A 80 -5.70 -12.93 3.60
N VAL A 81 -4.97 -12.27 2.73
CA VAL A 81 -3.54 -12.35 2.72
C VAL A 81 -3.01 -10.94 2.83
N THR A 82 -2.22 -10.73 3.89
CA THR A 82 -1.67 -9.44 4.23
C THR A 82 -0.27 -9.23 3.70
N LYS A 83 0.46 -10.30 3.42
CA LYS A 83 1.81 -10.17 2.87
C LYS A 83 2.08 -11.15 1.74
N PRO A 84 3.00 -10.78 0.83
CA PRO A 84 3.19 -11.65 -0.31
C PRO A 84 3.74 -13.00 0.13
N PRO A 85 3.52 -14.04 -0.67
CA PRO A 85 2.83 -13.96 -1.98
C PRO A 85 1.32 -13.96 -1.78
N TYR A 86 0.60 -13.31 -2.69
CA TYR A 86 -0.86 -13.23 -2.52
C TYR A 86 -1.49 -14.47 -3.19
N GLU A 87 -1.52 -15.57 -2.48
CA GLU A 87 -1.96 -16.89 -3.01
C GLU A 87 -2.71 -17.67 -1.95
N ILE A 88 -3.66 -18.51 -2.37
CA ILE A 88 -4.34 -19.42 -1.46
C ILE A 88 -4.33 -20.78 -2.16
N THR A 89 -3.90 -21.80 -1.47
CA THR A 89 -3.83 -23.10 -2.07
C THR A 89 -4.78 -24.04 -1.36
N GLU A 90 -5.61 -24.72 -2.12
CA GLU A 90 -6.61 -25.61 -1.56
C GLU A 90 -6.73 -26.86 -2.42
N THR A 91 -7.57 -27.77 -1.96
CA THR A 91 -8.04 -28.84 -2.81
C THR A 91 -9.54 -28.71 -2.99
N GLY A 92 -10.07 -29.38 -4.01
CA GLY A 92 -11.47 -29.27 -4.35
C GLY A 92 -11.89 -30.29 -5.39
N TRP A 93 -13.18 -30.25 -5.77
CA TRP A 93 -13.76 -31.10 -6.79
C TRP A 93 -14.64 -30.38 -7.78
N GLY A 94 -14.99 -29.12 -7.55
CA GLY A 94 -15.84 -28.38 -8.46
C GLY A 94 -15.40 -26.94 -8.69
N GLU A 95 -15.98 -26.30 -9.71
CA GLU A 95 -15.59 -24.96 -10.11
C GLU A 95 -16.57 -23.97 -9.51
N PHE A 96 -16.09 -22.76 -9.21
CA PHE A 96 -16.96 -21.73 -8.62
C PHE A 96 -16.35 -20.37 -8.77
N GLU A 97 -17.19 -19.37 -8.63
CA GLU A 97 -16.73 -17.98 -8.70
C GLU A 97 -16.02 -17.56 -7.42
N ILE A 98 -14.89 -16.91 -7.55
CA ILE A 98 -14.14 -16.36 -6.44
C ILE A 98 -14.17 -14.86 -6.61
N ILE A 99 -14.52 -14.14 -5.55
CA ILE A 99 -14.41 -12.67 -5.53
C ILE A 99 -13.10 -12.26 -4.88
N ILE A 100 -12.29 -11.52 -5.64
CA ILE A 100 -11.01 -11.03 -5.19
C ILE A 100 -11.09 -9.51 -5.00
N LYS A 101 -10.66 -9.07 -3.82
CA LYS A 101 -10.76 -7.69 -3.42
C LYS A 101 -9.39 -7.21 -2.91
N ILE A 102 -8.80 -6.27 -3.63
CA ILE A 102 -7.49 -5.75 -3.29
C ILE A 102 -7.66 -4.41 -2.51
N PHE A 103 -7.18 -4.36 -1.29
CA PHE A 103 -7.23 -3.14 -0.47
C PHE A 103 -5.90 -2.41 -0.48
N PHE A 104 -5.96 -1.10 -0.63
CA PHE A 104 -4.74 -0.27 -0.64
C PHE A 104 -4.36 0.21 0.75
N ILE A 105 -3.14 0.72 0.89
CA ILE A 105 -2.58 1.06 2.25
C ILE A 105 -3.39 2.24 2.82
N ASP A 106 -3.62 3.16 1.90
CA ASP A 106 -4.50 4.25 2.10
C ASP A 106 -6.00 3.79 2.05
N PRO A 107 -6.80 4.08 3.13
CA PRO A 107 -8.28 3.99 2.99
C PRO A 107 -8.97 4.98 1.99
N ASN A 108 -8.26 6.04 1.57
CA ASN A 108 -8.66 6.90 0.39
C ASN A 108 -8.99 6.02 -0.83
N GLU A 109 -8.03 5.20 -1.24
CA GLU A 109 -8.11 4.44 -2.48
C GLU A 109 -9.19 3.39 -2.47
N ARG A 110 -9.98 3.37 -3.53
CA ARG A 110 -11.09 2.40 -3.60
C ARG A 110 -10.50 0.99 -3.82
N PRO A 111 -10.93 0.00 -3.03
CA PRO A 111 -10.60 -1.40 -3.30
C PRO A 111 -10.87 -1.83 -4.76
N VAL A 112 -9.99 -2.62 -5.33
CA VAL A 112 -10.26 -3.20 -6.65
C VAL A 112 -10.92 -4.57 -6.44
N THR A 113 -12.11 -4.74 -7.02
CA THR A 113 -12.84 -5.98 -6.96
C THR A 113 -12.67 -6.73 -8.30
N LEU A 114 -12.34 -8.02 -8.19
CA LEU A 114 -12.14 -8.88 -9.41
C LEU A 114 -12.90 -10.16 -9.23
N TYR A 115 -13.30 -10.73 -10.37
CA TYR A 115 -14.20 -11.93 -10.42
C TYR A 115 -13.46 -12.97 -11.18
N HIS A 116 -13.34 -14.15 -10.59
CA HIS A 116 -12.58 -15.17 -11.27
C HIS A 116 -13.24 -16.49 -11.08
N LEU A 117 -13.47 -17.16 -12.19
CA LEU A 117 -14.04 -18.52 -12.13
C LEU A 117 -12.88 -19.51 -11.89
N LEU A 118 -12.90 -20.21 -10.78
CA LEU A 118 -11.87 -21.16 -10.53
C LEU A 118 -11.96 -22.33 -11.54
N LYS A 119 -10.90 -22.52 -12.30
CA LYS A 119 -10.82 -23.57 -13.30
C LYS A 119 -10.05 -24.78 -12.79
N LEU A 120 -10.74 -25.92 -12.85
CA LEU A 120 -10.14 -27.21 -12.59
C LEU A 120 -9.90 -28.04 -13.85
N PHE A 121 -10.85 -28.02 -14.76
CA PHE A 121 -10.87 -29.06 -15.82
C PHE A 121 -10.16 -28.42 -17.00
N GLN A 122 -9.09 -29.07 -17.46
CA GLN A 122 -8.42 -28.71 -18.72
C GLN A 122 -9.40 -28.62 -19.91
N SER A 123 -9.33 -27.54 -20.65
CA SER A 123 -10.00 -27.50 -21.95
C SER A 123 -9.49 -28.65 -22.85
N ASP A 124 -10.36 -29.14 -23.73
CA ASP A 124 -9.94 -30.20 -24.64
C ASP A 124 -8.81 -29.83 -25.60
N THR A 125 -8.77 -28.58 -26.09
CA THR A 125 -7.64 -28.07 -26.85
C THR A 125 -6.28 -28.26 -26.10
N ASN A 126 -6.20 -27.76 -24.86
CA ASN A 126 -4.96 -27.83 -24.10
C ASN A 126 -4.65 -29.27 -23.68
N ALA A 127 -5.70 -30.11 -23.52
CA ALA A 127 -5.50 -31.52 -23.20
C ALA A 127 -4.78 -32.19 -24.37
N MET A 128 -5.24 -31.89 -25.57
CA MET A 128 -4.67 -32.48 -26.79
C MET A 128 -3.27 -31.94 -27.16
N LEU A 129 -2.93 -30.73 -26.70
CA LEU A 129 -1.56 -30.18 -26.82
C LEU A 129 -0.60 -30.68 -25.71
N GLY A 130 -1.07 -31.51 -24.79
CA GLY A 130 -0.21 -32.16 -23.78
C GLY A 130 0.05 -31.42 -22.48
N LYS A 131 -0.71 -30.35 -22.20
CA LYS A 131 -0.43 -29.49 -21.04
C LYS A 131 -0.84 -30.18 -19.74
N LYS A 132 0.14 -30.35 -18.83
CA LYS A 132 -0.08 -31.04 -17.53
C LYS A 132 -1.08 -30.27 -16.65
N THR A 133 -0.85 -28.97 -16.44
CA THR A 133 -1.63 -28.22 -15.47
C THR A 133 -2.53 -27.17 -16.11
N VAL A 134 -3.69 -26.94 -15.52
CA VAL A 134 -4.59 -25.91 -16.04
C VAL A 134 -4.14 -24.58 -15.45
N VAL A 135 -4.25 -23.55 -16.28
CA VAL A 135 -3.90 -22.18 -15.92
C VAL A 135 -5.00 -21.33 -16.48
N SER A 136 -5.72 -20.62 -15.62
CA SER A 136 -6.65 -19.60 -16.08
C SER A 136 -6.17 -18.23 -15.55
N GLU A 137 -5.53 -17.45 -16.42
CA GLU A 137 -4.91 -16.21 -15.99
C GLU A 137 -5.44 -15.01 -16.77
N PHE A 138 -5.67 -13.92 -16.06
CA PHE A 138 -6.18 -12.68 -16.66
C PHE A 138 -5.31 -11.48 -16.25
N TYR A 139 -5.52 -10.35 -16.90
CA TYR A 139 -4.66 -9.20 -16.72
C TYR A 139 -5.47 -8.01 -16.24
N ASP A 140 -4.79 -7.14 -15.52
CA ASP A 140 -5.40 -5.88 -15.13
C ASP A 140 -4.29 -4.86 -14.80
N GLU A 141 -4.68 -3.62 -14.55
CA GLU A 141 -3.78 -2.50 -14.31
C GLU A 141 -4.36 -1.81 -13.11
N MET A 142 -3.65 -1.85 -11.99
CA MET A 142 -4.06 -1.16 -10.76
C MET A 142 -3.57 0.30 -10.81
N ILE A 143 -4.48 1.22 -10.46
CA ILE A 143 -4.24 2.67 -10.57
C ILE A 143 -4.54 3.27 -9.21
N PHE A 144 -3.58 4.05 -8.73
CA PHE A 144 -3.65 4.58 -7.37
C PHE A 144 -2.59 5.67 -7.12
N GLN A 145 -2.86 6.52 -6.13
CA GLN A 145 -1.93 7.60 -5.66
C GLN A 145 -0.81 7.02 -4.81
N ASP A 146 0.38 7.61 -4.92
CA ASP A 146 1.55 7.11 -4.18
C ASP A 146 1.47 7.47 -2.68
N PRO A 147 1.49 6.46 -1.77
CA PRO A 147 1.41 6.70 -0.31
C PRO A 147 2.75 7.01 0.36
N THR B 20 6.02 -14.56 14.51
CA THR B 20 4.97 -13.48 14.48
C THR B 20 4.26 -13.23 15.85
N ILE B 21 4.48 -12.05 16.41
CA ILE B 21 3.74 -11.58 17.61
C ILE B 21 2.69 -10.52 17.26
N VAL B 22 1.61 -10.51 18.05
CA VAL B 22 0.50 -9.56 17.89
C VAL B 22 0.51 -8.55 19.05
N LYS B 23 0.73 -7.28 18.77
CA LYS B 23 0.73 -6.28 19.85
C LYS B 23 -0.39 -5.30 19.74
N PRO B 24 -1.39 -5.38 20.66
CA PRO B 24 -2.55 -4.50 20.62
C PRO B 24 -2.18 -3.08 21.00
N ILE B 25 -2.78 -2.12 20.32
CA ILE B 25 -2.57 -0.67 20.55
C ILE B 25 -3.88 0.08 20.51
N VAL B 26 -3.87 1.29 21.06
CA VAL B 26 -4.87 2.30 20.77
C VAL B 26 -4.16 3.52 20.19
N TYR B 27 -4.91 4.33 19.46
CA TYR B 27 -4.33 5.49 18.84
C TYR B 27 -5.44 6.47 18.57
N GLY B 28 -5.05 7.73 18.39
CA GLY B 28 -6.02 8.81 18.24
C GLY B 28 -5.63 10.07 18.96
N ASN B 29 -6.59 10.85 19.37
CA ASN B 29 -6.28 12.14 20.03
C ASN B 29 -7.21 12.51 21.16
N VAL B 30 -6.72 13.42 22.01
CA VAL B 30 -7.58 14.17 22.94
C VAL B 30 -7.51 15.61 22.54
N ALA B 31 -8.48 16.38 22.98
CA ALA B 31 -8.48 17.80 22.73
C ALA B 31 -9.28 18.50 23.77
N ARG B 32 -8.99 19.78 23.94
CA ARG B 32 -9.66 20.60 24.97
C ARG B 32 -9.77 22.04 24.50
N TYR B 33 -10.94 22.64 24.69
CA TYR B 33 -11.20 23.99 24.16
C TYR B 33 -10.55 25.07 25.03
N PHE B 34 -9.91 26.05 24.41
CA PHE B 34 -9.35 27.20 25.17
C PHE B 34 -10.41 27.88 26.05
N GLY B 35 -11.53 28.21 25.43
CA GLY B 35 -12.55 29.07 26.04
C GLY B 35 -12.66 30.37 25.26
N LYS B 36 -11.56 30.83 24.65
CA LYS B 36 -11.55 31.94 23.70
C LYS B 36 -10.70 31.56 22.51
N LYS B 37 -10.87 32.22 21.36
CA LYS B 37 -9.87 32.16 20.30
C LYS B 37 -8.64 32.94 20.79
N ARG B 38 -7.45 32.55 20.35
CA ARG B 38 -6.23 33.31 20.64
C ARG B 38 -5.92 34.16 19.42
N GLU B 39 -5.98 35.48 19.62
CA GLU B 39 -5.89 36.52 18.59
C GLU B 39 -4.70 36.31 17.63
N GLU B 40 -3.50 36.16 18.20
CA GLU B 40 -2.21 36.03 17.47
C GLU B 40 -2.19 35.02 16.29
N ASP B 41 -2.45 33.75 16.61
CA ASP B 41 -2.44 32.64 15.60
C ASP B 41 -3.84 32.17 15.18
N GLY B 42 -4.85 32.52 15.98
CA GLY B 42 -6.24 32.11 15.75
C GLY B 42 -6.53 30.73 16.35
N HIS B 43 -5.62 30.22 17.18
CA HIS B 43 -5.72 28.86 17.68
C HIS B 43 -6.81 28.83 18.76
N THR B 44 -7.62 27.77 18.74
CA THR B 44 -8.75 27.57 19.67
C THR B 44 -8.63 26.41 20.64
N HIS B 45 -7.82 25.40 20.29
CA HIS B 45 -7.73 24.16 21.10
C HIS B 45 -6.30 23.69 21.25
N GLN B 46 -6.08 22.97 22.33
CA GLN B 46 -4.89 22.20 22.49
C GLN B 46 -5.30 20.76 22.21
N TRP B 47 -4.40 20.00 21.58
CA TRP B 47 -4.62 18.58 21.32
C TRP B 47 -3.37 17.76 21.47
N THR B 48 -3.54 16.46 21.71
CA THR B 48 -2.47 15.52 21.71
C THR B 48 -2.89 14.34 20.86
N VAL B 49 -2.07 14.01 19.87
CA VAL B 49 -2.21 12.80 19.09
C VAL B 49 -1.29 11.72 19.65
N TYR B 50 -1.71 10.45 19.63
CA TYR B 50 -0.85 9.43 20.28
C TYR B 50 -1.03 8.02 19.74
N VAL B 51 -0.03 7.18 19.98
CA VAL B 51 -0.20 5.71 19.89
C VAL B 51 0.27 5.13 21.21
N LYS B 52 -0.55 4.27 21.82
CA LYS B 52 -0.25 3.63 23.09
C LYS B 52 -0.43 2.14 23.06
N PRO B 53 0.33 1.39 23.86
CA PRO B 53 -0.09 -0.02 24.00
C PRO B 53 -1.46 -0.15 24.73
N TYR B 54 -2.20 -1.17 24.36
CA TYR B 54 -3.53 -1.41 24.96
C TYR B 54 -3.42 -1.64 26.43
N ARG B 55 -2.40 -2.38 26.82
CA ARG B 55 -2.02 -2.59 28.24
C ARG B 55 -0.79 -1.81 28.59
N ASN B 56 -0.48 -1.74 29.88
CA ASN B 56 0.63 -0.94 30.37
C ASN B 56 1.92 -1.69 30.21
N GLU B 57 2.58 -1.46 29.09
CA GLU B 57 3.78 -2.20 28.78
C GLU B 57 4.67 -1.34 27.95
N ASP B 58 5.86 -1.83 27.68
CA ASP B 58 6.88 -1.05 26.99
C ASP B 58 6.79 -1.48 25.56
N MET B 59 6.64 -0.48 24.70
CA MET B 59 6.59 -0.70 23.28
C MET B 59 7.95 -0.58 22.62
N SER B 60 8.89 0.12 23.25
CA SER B 60 10.23 0.38 22.65
C SER B 60 11.09 -0.86 22.33
N ALA B 61 10.80 -1.98 22.98
CA ALA B 61 11.38 -3.28 22.57
C ALA B 61 11.21 -3.59 21.06
N TYR B 62 10.05 -3.24 20.50
CA TYR B 62 9.72 -3.55 19.11
C TYR B 62 9.45 -2.35 18.20
N VAL B 63 9.28 -1.17 18.79
CA VAL B 63 9.06 0.03 18.04
C VAL B 63 10.32 0.84 18.01
N LYS B 64 10.81 1.07 16.79
CA LYS B 64 11.95 1.95 16.53
C LYS B 64 11.54 3.40 16.62
N LYS B 65 10.48 3.77 15.90
CA LYS B 65 10.02 5.16 15.94
C LYS B 65 8.62 5.25 15.40
N ILE B 66 7.98 6.37 15.74
CA ILE B 66 6.69 6.62 15.18
C ILE B 66 6.69 7.99 14.60
N GLN B 67 6.15 8.16 13.41
CA GLN B 67 6.02 9.52 12.91
C GLN B 67 4.57 9.88 12.72
N PHE B 68 4.31 11.16 12.90
CA PHE B 68 2.99 11.73 12.80
C PHE B 68 3.09 12.88 11.79
N LYS B 69 2.48 12.69 10.62
CA LYS B 69 2.47 13.68 9.57
C LYS B 69 1.32 14.63 9.80
N LEU B 70 1.66 15.87 10.11
CA LEU B 70 0.73 16.94 10.25
C LEU B 70 0.46 17.70 8.95
N HIS B 71 -0.55 18.55 9.03
CA HIS B 71 -0.90 19.45 7.94
C HIS B 71 0.20 20.49 7.79
N GLU B 72 0.41 20.94 6.58
CA GLU B 72 1.49 21.88 6.28
C GLU B 72 1.42 23.23 6.98
N SER B 73 0.27 23.60 7.53
CA SER B 73 0.23 24.78 8.41
C SER B 73 1.10 24.63 9.68
N TYR B 74 1.55 23.40 9.97
CA TYR B 74 2.52 23.18 11.01
C TYR B 74 3.91 23.14 10.39
N GLY B 75 4.83 23.88 11.03
CA GLY B 75 6.26 23.77 10.80
C GLY B 75 6.77 22.40 11.23
N ASN B 76 7.68 21.85 10.44
CA ASN B 76 8.18 20.47 10.61
C ASN B 76 7.06 19.42 10.74
N PRO B 77 6.10 19.49 9.80
CA PRO B 77 4.90 18.70 9.87
C PRO B 77 5.18 17.20 9.87
N LEU B 78 6.33 16.73 9.43
CA LEU B 78 6.68 15.33 9.67
C LEU B 78 7.36 15.17 11.03
N ARG B 79 6.57 14.99 12.08
CA ARG B 79 7.07 14.85 13.46
C ARG B 79 7.45 13.39 13.80
N VAL B 80 8.62 13.19 14.41
CA VAL B 80 9.17 11.84 14.63
C VAL B 80 9.36 11.69 16.10
N VAL B 81 8.89 10.57 16.62
CA VAL B 81 9.09 10.29 18.01
C VAL B 81 9.79 8.99 18.05
N THR B 82 11.01 9.05 18.58
CA THR B 82 11.93 7.93 18.71
C THR B 82 11.85 7.23 20.06
N LYS B 83 11.48 7.97 21.12
CA LYS B 83 11.39 7.40 22.47
C LYS B 83 9.99 7.56 22.99
N PRO B 84 9.47 6.56 23.73
CA PRO B 84 8.21 6.76 24.44
C PRO B 84 8.24 7.96 25.38
N PRO B 85 7.09 8.61 25.57
CA PRO B 85 5.78 8.26 25.03
C PRO B 85 5.57 8.75 23.55
N TYR B 86 4.89 7.93 22.75
CA TYR B 86 4.68 8.24 21.33
C TYR B 86 3.50 9.18 21.13
N GLU B 87 3.79 10.47 21.25
CA GLU B 87 2.75 11.44 21.20
C GLU B 87 3.29 12.80 20.85
N ILE B 88 2.39 13.65 20.31
CA ILE B 88 2.71 14.99 19.97
C ILE B 88 1.57 15.85 20.47
N THR B 89 1.94 16.92 21.16
CA THR B 89 1.05 17.94 21.62
C THR B 89 1.25 19.19 20.79
N GLU B 90 0.14 19.72 20.29
CA GLU B 90 0.09 20.92 19.52
C GLU B 90 -1.12 21.75 19.88
N THR B 91 -1.25 22.90 19.22
CA THR B 91 -2.45 23.71 19.26
C THR B 91 -2.85 24.02 17.84
N GLY B 92 -4.08 24.54 17.71
CA GLY B 92 -4.66 24.81 16.43
C GLY B 92 -6.14 25.21 16.48
N TRP B 93 -6.69 25.39 15.28
CA TRP B 93 -8.07 25.82 15.03
C TRP B 93 -8.89 24.87 14.19
N GLY B 94 -8.23 24.05 13.38
CA GLY B 94 -8.88 23.14 12.44
C GLY B 94 -8.58 21.66 12.63
N GLU B 95 -9.46 20.83 12.08
CA GLU B 95 -9.39 19.40 12.15
C GLU B 95 -8.85 18.94 10.82
N PHE B 96 -8.01 17.92 10.84
CA PHE B 96 -7.47 17.41 9.63
C PHE B 96 -7.04 15.99 9.83
N GLU B 97 -6.69 15.31 8.76
CA GLU B 97 -6.27 13.98 8.84
C GLU B 97 -4.77 13.93 9.15
N ILE B 98 -4.37 13.11 10.14
CA ILE B 98 -2.97 12.85 10.46
C ILE B 98 -2.62 11.49 9.95
N ILE B 99 -1.45 11.35 9.36
CA ILE B 99 -0.97 10.06 8.96
C ILE B 99 0.09 9.61 9.92
N ILE B 100 -0.03 8.36 10.39
CA ILE B 100 0.77 7.85 11.45
C ILE B 100 1.48 6.67 10.90
N LYS B 101 2.78 6.65 11.08
CA LYS B 101 3.54 5.61 10.52
C LYS B 101 4.41 5.09 11.62
N ILE B 102 4.25 3.80 11.88
CA ILE B 102 4.96 3.13 12.95
C ILE B 102 6.02 2.19 12.36
N PHE B 103 7.28 2.43 12.70
CA PHE B 103 8.42 1.64 12.21
C PHE B 103 8.93 0.73 13.28
N PHE B 104 9.28 -0.48 12.87
CA PHE B 104 9.74 -1.55 13.75
C PHE B 104 11.27 -1.65 13.91
N ILE B 105 11.74 -2.46 14.87
CA ILE B 105 13.19 -2.62 15.09
C ILE B 105 13.79 -3.27 13.86
N ASP B 106 13.13 -4.33 13.40
CA ASP B 106 13.49 -4.99 12.17
C ASP B 106 13.22 -4.07 10.96
N PRO B 107 14.26 -3.46 10.36
CA PRO B 107 13.98 -2.48 9.29
C PRO B 107 13.45 -3.10 7.97
N ASN B 108 13.56 -4.43 7.85
CA ASN B 108 12.83 -5.17 6.83
C ASN B 108 11.36 -4.88 6.93
N GLU B 109 10.78 -5.12 8.14
CA GLU B 109 9.33 -5.12 8.35
C GLU B 109 8.65 -3.86 7.87
N ARG B 110 7.54 -4.06 7.19
CA ARG B 110 6.82 -2.94 6.65
C ARG B 110 6.35 -2.10 7.84
N PRO B 111 6.58 -0.80 7.77
CA PRO B 111 5.91 0.11 8.68
C PRO B 111 4.41 -0.13 8.67
N VAL B 112 3.73 0.05 9.79
CA VAL B 112 2.30 0.05 9.79
C VAL B 112 1.87 1.52 9.69
N THR B 113 0.90 1.80 8.79
CA THR B 113 0.40 3.15 8.52
C THR B 113 -1.06 3.28 9.03
N LEU B 114 -1.36 4.29 9.85
CA LEU B 114 -2.75 4.52 10.32
C LEU B 114 -3.19 5.94 10.00
N TYR B 115 -4.49 6.14 9.86
CA TYR B 115 -5.10 7.39 9.43
C TYR B 115 -6.00 7.86 10.52
N HIS B 116 -5.85 9.09 10.97
CA HIS B 116 -6.70 9.56 12.03
C HIS B 116 -7.08 10.95 11.81
N LEU B 117 -8.37 11.18 11.84
CA LEU B 117 -8.92 12.50 11.75
C LEU B 117 -8.81 13.07 13.13
N LEU B 118 -8.07 14.17 13.23
CA LEU B 118 -7.95 14.85 14.50
C LEU B 118 -9.28 15.44 14.87
N LYS B 119 -9.77 15.17 16.06
CA LYS B 119 -11.07 15.65 16.46
C LYS B 119 -10.90 16.69 17.55
N LEU B 120 -11.50 17.88 17.35
CA LEU B 120 -11.42 19.01 18.27
C LEU B 120 -12.79 19.48 18.83
N PHE B 121 -13.73 19.69 17.92
CA PHE B 121 -15.00 20.35 18.25
C PHE B 121 -15.91 19.34 18.91
N GLN B 122 -16.17 19.47 20.22
CA GLN B 122 -17.10 18.51 20.82
C GLN B 122 -18.59 18.60 20.39
N SER B 123 -19.26 17.46 20.50
CA SER B 123 -20.68 17.33 20.20
C SER B 123 -21.45 18.19 21.18
N ASP B 124 -22.55 18.79 20.74
CA ASP B 124 -23.44 19.50 21.67
C ASP B 124 -23.87 18.60 22.84
N THR B 125 -24.10 17.35 22.56
CA THR B 125 -24.46 16.37 23.58
C THR B 125 -23.44 16.35 24.72
N ASN B 126 -22.15 16.13 24.40
CA ASN B 126 -21.07 16.12 25.45
C ASN B 126 -20.83 17.50 26.01
N ALA B 127 -21.10 18.53 25.24
CA ALA B 127 -20.99 19.91 25.82
C ALA B 127 -22.04 20.12 26.85
N MET B 128 -23.25 19.65 26.53
CA MET B 128 -24.38 19.74 27.46
C MET B 128 -24.18 18.90 28.72
N LEU B 129 -23.54 17.74 28.54
CA LEU B 129 -23.14 16.89 29.65
C LEU B 129 -22.01 17.43 30.54
N GLY B 130 -21.50 18.63 30.28
CA GLY B 130 -20.42 19.19 31.08
C GLY B 130 -19.03 18.62 30.78
N LYS B 131 -18.91 17.65 29.86
CA LYS B 131 -17.60 17.11 29.47
C LYS B 131 -16.67 18.18 28.87
N LYS B 132 -15.46 18.31 29.40
CA LYS B 132 -14.51 19.27 28.88
C LYS B 132 -13.41 18.69 28.00
N THR B 133 -13.37 17.37 27.84
CA THR B 133 -12.37 16.72 27.02
C THR B 133 -12.98 16.00 25.86
N VAL B 134 -12.49 16.29 24.65
CA VAL B 134 -12.86 15.57 23.45
C VAL B 134 -11.91 14.42 23.26
N VAL B 135 -12.39 13.21 22.94
CA VAL B 135 -11.47 12.09 22.71
C VAL B 135 -11.95 11.28 21.57
N SER B 136 -11.04 10.98 20.63
CA SER B 136 -11.33 10.05 19.51
C SER B 136 -10.26 8.96 19.50
N GLU B 137 -10.57 7.77 19.96
CA GLU B 137 -9.54 6.73 20.09
C GLU B 137 -9.99 5.46 19.37
N PHE B 138 -9.03 4.72 18.80
CA PHE B 138 -9.35 3.49 18.05
C PHE B 138 -8.35 2.41 18.43
N TYR B 139 -8.80 1.17 18.35
CA TYR B 139 -8.01 0.00 18.68
C TYR B 139 -7.38 -0.53 17.42
N ASP B 140 -6.21 -1.15 17.56
CA ASP B 140 -5.65 -1.93 16.45
C ASP B 140 -4.68 -2.98 16.94
N GLU B 141 -4.17 -3.81 16.06
CA GLU B 141 -3.19 -4.83 16.43
C GLU B 141 -2.12 -4.85 15.38
N MET B 142 -0.90 -4.92 15.85
CA MET B 142 0.26 -4.93 14.99
C MET B 142 0.78 -6.38 14.92
N ILE B 143 0.86 -6.89 13.69
CA ILE B 143 1.32 -8.23 13.41
C ILE B 143 2.70 -8.08 12.83
N PHE B 144 3.72 -8.67 13.45
CA PHE B 144 5.08 -8.47 12.96
C PHE B 144 6.08 -9.49 13.54
N GLN B 145 7.08 -9.81 12.70
CA GLN B 145 8.19 -10.73 13.03
C GLN B 145 9.40 -9.94 13.56
N ASP B 146 10.17 -10.56 14.46
CA ASP B 146 11.42 -9.94 14.95
C ASP B 146 12.57 -10.95 14.94
N THR C 20 16.78 1.23 -0.99
CA THR C 20 16.17 -0.04 -0.46
C THR C 20 15.21 -0.72 -1.45
N ILE C 21 15.74 -1.58 -2.31
CA ILE C 21 14.95 -2.30 -3.33
C ILE C 21 14.68 -3.75 -2.93
N VAL C 22 13.46 -4.22 -3.20
CA VAL C 22 13.00 -5.56 -2.81
C VAL C 22 12.82 -6.42 -4.06
N LYS C 23 13.35 -7.63 -4.05
CA LYS C 23 13.25 -8.52 -5.21
C LYS C 23 12.78 -9.83 -4.73
N PRO C 24 11.52 -10.21 -5.06
CA PRO C 24 11.02 -11.50 -4.58
C PRO C 24 11.64 -12.64 -5.32
N ILE C 25 11.77 -13.76 -4.61
CA ILE C 25 12.32 -14.97 -5.16
C ILE C 25 11.60 -16.19 -4.63
N VAL C 26 11.75 -17.29 -5.38
CA VAL C 26 11.42 -18.59 -4.86
C VAL C 26 12.63 -19.52 -5.03
N TYR C 27 12.86 -20.33 -4.02
CA TYR C 27 13.98 -21.20 -4.02
C TYR C 27 13.47 -22.49 -3.52
N GLY C 28 14.18 -23.55 -3.88
CA GLY C 28 13.81 -24.92 -3.47
C GLY C 28 14.36 -25.96 -4.43
N ASN C 29 13.65 -27.08 -4.54
CA ASN C 29 14.02 -28.17 -5.40
C ASN C 29 12.81 -28.91 -5.94
N VAL C 30 13.06 -29.64 -7.02
CA VAL C 30 12.09 -30.51 -7.61
C VAL C 30 12.85 -31.81 -7.71
N ALA C 31 12.12 -32.92 -7.65
CA ALA C 31 12.75 -34.27 -7.65
C ALA C 31 11.84 -35.30 -8.28
N ARG C 32 12.43 -36.27 -8.96
CA ARG C 32 11.67 -37.37 -9.53
C ARG C 32 12.37 -38.69 -9.27
N TYR C 33 11.60 -39.66 -8.78
CA TYR C 33 12.03 -41.06 -8.66
C TYR C 33 12.36 -41.68 -10.03
N PHE C 34 13.55 -42.24 -10.20
CA PHE C 34 13.86 -43.05 -11.42
C PHE C 34 12.89 -44.18 -11.73
N GLY C 35 12.35 -44.86 -10.72
CA GLY C 35 11.42 -46.00 -10.93
C GLY C 35 12.00 -47.33 -10.44
N LYS C 36 13.25 -47.58 -10.84
CA LYS C 36 14.08 -48.63 -10.29
C LYS C 36 15.38 -47.95 -9.87
N LYS C 37 15.89 -48.33 -8.71
CA LYS C 37 17.23 -47.89 -8.26
C LYS C 37 18.34 -48.30 -9.27
N ARG C 38 19.11 -47.32 -9.72
CA ARG C 38 20.18 -47.52 -10.71
C ARG C 38 21.38 -48.24 -10.05
N GLU C 39 21.94 -49.22 -10.75
CA GLU C 39 22.83 -50.19 -10.13
C GLU C 39 24.21 -49.65 -9.86
N GLU C 40 24.81 -48.92 -10.78
CA GLU C 40 26.23 -48.54 -10.59
C GLU C 40 26.45 -47.86 -9.24
N ASP C 41 25.61 -46.89 -8.90
CA ASP C 41 25.80 -46.09 -7.69
C ASP C 41 24.64 -46.18 -6.69
N GLY C 42 23.58 -46.93 -7.00
CA GLY C 42 22.41 -47.00 -6.12
C GLY C 42 21.59 -45.72 -5.99
N HIS C 43 21.73 -44.77 -6.96
CA HIS C 43 21.00 -43.49 -6.91
C HIS C 43 19.54 -43.74 -7.30
N THR C 44 18.59 -43.09 -6.65
CA THR C 44 17.17 -43.33 -6.89
C THR C 44 16.38 -42.14 -7.46
N HIS C 45 16.92 -40.93 -7.33
CA HIS C 45 16.25 -39.76 -7.79
C HIS C 45 17.14 -38.83 -8.63
N GLN C 46 16.50 -38.16 -9.56
CA GLN C 46 17.08 -37.00 -10.21
C GLN C 46 16.53 -35.80 -9.47
N TRP C 47 17.31 -34.74 -9.32
CA TRP C 47 16.81 -33.58 -8.68
C TRP C 47 17.42 -32.34 -9.21
N THR C 48 16.71 -31.22 -9.00
CA THR C 48 17.23 -29.94 -9.39
C THR C 48 16.94 -28.95 -8.30
N VAL C 49 17.98 -28.29 -7.81
CA VAL C 49 17.82 -27.25 -6.79
C VAL C 49 17.94 -25.89 -7.53
N TYR C 50 17.16 -24.89 -7.12
CA TYR C 50 17.11 -23.61 -7.84
C TYR C 50 16.80 -22.39 -6.96
N VAL C 51 17.14 -21.23 -7.49
CA VAL C 51 16.63 -19.95 -7.02
C VAL C 51 16.09 -19.30 -8.28
N LYS C 52 14.86 -18.83 -8.26
CA LYS C 52 14.35 -18.03 -9.37
C LYS C 52 13.60 -16.81 -8.84
N PRO C 53 13.46 -15.80 -9.68
CA PRO C 53 12.59 -14.69 -9.30
C PRO C 53 11.11 -15.14 -9.33
N TYR C 54 10.30 -14.54 -8.47
CA TYR C 54 8.85 -14.84 -8.43
C TYR C 54 8.18 -14.65 -9.81
N ARG C 55 8.45 -13.53 -10.44
CA ARG C 55 8.02 -13.27 -11.82
C ARG C 55 9.28 -13.18 -12.65
N ASN C 56 9.14 -13.55 -13.92
CA ASN C 56 10.21 -13.52 -14.89
C ASN C 56 10.99 -12.20 -14.88
N GLU C 57 12.26 -12.26 -14.54
CA GLU C 57 13.21 -11.18 -14.85
C GLU C 57 14.63 -11.76 -14.90
N ASP C 58 15.54 -11.00 -15.50
CA ASP C 58 16.95 -11.39 -15.56
C ASP C 58 17.61 -10.93 -14.28
N MET C 59 17.85 -11.89 -13.38
CA MET C 59 18.47 -11.59 -12.10
C MET C 59 19.96 -11.17 -12.17
N SER C 60 20.67 -11.41 -13.28
CA SER C 60 22.07 -10.94 -13.38
C SER C 60 22.21 -9.42 -13.50
N ALA C 61 21.19 -8.69 -13.88
CA ALA C 61 21.25 -7.24 -13.70
C ALA C 61 21.75 -6.86 -12.31
N TYR C 62 21.43 -7.66 -11.29
CA TYR C 62 21.85 -7.42 -9.90
C TYR C 62 22.46 -8.64 -9.07
N VAL C 63 22.47 -9.86 -9.61
CA VAL C 63 23.08 -10.99 -8.90
C VAL C 63 24.38 -11.31 -9.60
N LYS C 64 25.47 -11.31 -8.84
CA LYS C 64 26.79 -11.69 -9.39
C LYS C 64 26.86 -13.22 -9.63
N LYS C 65 26.50 -14.00 -8.63
CA LYS C 65 26.55 -15.45 -8.73
C LYS C 65 25.78 -16.03 -7.59
N ILE C 66 25.52 -17.33 -7.68
CA ILE C 66 24.84 -18.08 -6.61
C ILE C 66 25.56 -19.40 -6.36
N GLN C 67 25.85 -19.62 -5.08
CA GLN C 67 26.47 -20.84 -4.61
C GLN C 67 25.47 -21.76 -3.99
N PHE C 68 25.47 -23.00 -4.46
CA PHE C 68 24.79 -24.11 -3.82
C PHE C 68 25.79 -25.05 -3.17
N LYS C 69 25.84 -25.08 -1.85
CA LYS C 69 26.68 -26.02 -1.12
C LYS C 69 25.98 -27.35 -0.94
N LEU C 70 26.43 -28.32 -1.71
CA LEU C 70 25.88 -29.64 -1.64
C LEU C 70 26.49 -30.44 -0.48
N HIS C 71 26.01 -31.66 -0.29
CA HIS C 71 26.50 -32.54 0.79
C HIS C 71 27.91 -33.01 0.42
N GLU C 72 28.71 -33.42 1.39
CA GLU C 72 30.13 -33.80 1.10
C GLU C 72 30.32 -35.06 0.25
N SER C 73 29.27 -35.86 0.13
CA SER C 73 29.27 -36.98 -0.79
C SER C 73 29.25 -36.54 -2.24
N TYR C 74 29.11 -35.23 -2.49
CA TYR C 74 29.18 -34.69 -3.85
C TYR C 74 30.56 -34.07 -4.13
N GLY C 75 31.12 -34.42 -5.29
CA GLY C 75 32.38 -33.83 -5.73
C GLY C 75 32.19 -32.35 -5.97
N ASN C 76 33.21 -31.57 -5.62
CA ASN C 76 33.12 -30.10 -5.69
C ASN C 76 31.76 -29.68 -5.13
N PRO C 77 31.50 -30.04 -3.87
CA PRO C 77 30.18 -29.77 -3.35
C PRO C 77 29.82 -28.30 -3.44
N LEU C 78 30.81 -27.39 -3.50
CA LEU C 78 30.49 -25.96 -3.55
C LEU C 78 30.31 -25.58 -4.99
N ARG C 79 29.07 -25.74 -5.46
CA ARG C 79 28.70 -25.52 -6.84
C ARG C 79 28.29 -24.08 -7.09
N VAL C 80 28.67 -23.53 -8.26
CA VAL C 80 28.57 -22.08 -8.52
C VAL C 80 27.95 -21.83 -9.89
N VAL C 81 27.03 -20.87 -9.93
CA VAL C 81 26.30 -20.55 -11.16
C VAL C 81 26.28 -19.04 -11.31
N THR C 82 26.68 -18.56 -12.50
CA THR C 82 26.96 -17.13 -12.76
C THR C 82 25.92 -16.44 -13.64
N LYS C 83 25.21 -17.21 -14.44
CA LYS C 83 24.14 -16.73 -15.30
C LYS C 83 22.84 -17.58 -15.10
N PRO C 84 21.67 -17.01 -15.39
CA PRO C 84 20.46 -17.81 -15.29
C PRO C 84 20.39 -18.91 -16.32
N PRO C 85 19.65 -19.99 -16.06
CA PRO C 85 18.94 -20.28 -14.80
C PRO C 85 19.87 -20.68 -13.67
N TYR C 86 19.65 -20.10 -12.48
CA TYR C 86 20.38 -20.41 -11.27
C TYR C 86 19.87 -21.73 -10.68
N GLU C 87 20.47 -22.82 -11.13
CA GLU C 87 20.06 -24.14 -10.77
C GLU C 87 21.20 -25.16 -10.91
N ILE C 88 21.08 -26.22 -10.14
CA ILE C 88 22.01 -27.32 -10.20
C ILE C 88 21.19 -28.57 -10.22
N THR C 89 21.51 -29.44 -11.16
CA THR C 89 20.84 -30.70 -11.34
C THR C 89 21.77 -31.87 -11.03
N GLU C 90 21.26 -32.84 -10.31
CA GLU C 90 22.07 -33.97 -9.87
C GLU C 90 21.22 -35.20 -9.76
N THR C 91 21.88 -36.28 -9.39
CA THR C 91 21.15 -37.46 -8.92
C THR C 91 21.60 -37.80 -7.52
N GLY C 92 20.82 -38.65 -6.87
CA GLY C 92 21.14 -39.02 -5.51
C GLY C 92 20.15 -39.99 -4.94
N TRP C 93 20.34 -40.26 -3.66
CA TRP C 93 19.57 -41.27 -2.93
C TRP C 93 19.14 -40.85 -1.54
N GLY C 94 19.69 -39.77 -1.00
CA GLY C 94 19.23 -39.26 0.31
C GLY C 94 19.10 -37.75 0.39
N GLU C 95 18.33 -37.31 1.38
CA GLU C 95 18.02 -35.90 1.59
C GLU C 95 19.11 -35.24 2.44
N PHE C 96 19.32 -33.94 2.26
CA PHE C 96 20.30 -33.24 3.05
C PHE C 96 20.08 -31.72 2.93
N GLU C 97 20.82 -30.94 3.72
CA GLU C 97 20.67 -29.53 3.70
C GLU C 97 21.62 -28.96 2.65
N ILE C 98 21.08 -28.07 1.82
CA ILE C 98 21.83 -27.29 0.87
C ILE C 98 21.87 -25.86 1.37
N ILE C 99 23.05 -25.25 1.32
CA ILE C 99 23.19 -23.86 1.75
C ILE C 99 23.36 -23.09 0.47
N ILE C 100 22.57 -22.01 0.37
CA ILE C 100 22.51 -21.24 -0.84
C ILE C 100 22.93 -19.86 -0.43
N LYS C 101 23.87 -19.30 -1.18
CA LYS C 101 24.48 -18.05 -0.84
C LYS C 101 24.40 -17.23 -2.11
N ILE C 102 23.80 -16.06 -1.97
CA ILE C 102 23.53 -15.21 -3.12
C ILE C 102 24.39 -13.96 -3.06
N PHE C 103 25.19 -13.73 -4.11
CA PHE C 103 26.14 -12.61 -4.14
C PHE C 103 25.70 -11.59 -5.15
N PHE C 104 25.67 -10.34 -4.71
CA PHE C 104 25.27 -9.23 -5.55
C PHE C 104 26.45 -8.65 -6.32
N ILE C 105 26.15 -7.90 -7.38
CA ILE C 105 27.17 -7.27 -8.20
C ILE C 105 27.91 -6.21 -7.40
N ASP C 106 27.22 -5.39 -6.61
CA ASP C 106 27.94 -4.47 -5.73
C ASP C 106 28.45 -5.20 -4.48
N PRO C 107 29.79 -5.16 -4.23
CA PRO C 107 30.30 -5.77 -2.97
C PRO C 107 29.91 -5.02 -1.68
N ASN C 108 29.29 -3.84 -1.82
CA ASN C 108 28.58 -3.17 -0.72
C ASN C 108 27.62 -4.07 0.11
N GLU C 109 26.84 -4.94 -0.56
CA GLU C 109 25.81 -5.75 0.12
C GLU C 109 26.33 -7.06 0.68
N ARG C 110 26.00 -7.32 1.95
CA ARG C 110 26.23 -8.62 2.57
C ARG C 110 25.42 -9.65 1.78
N PRO C 111 26.09 -10.70 1.25
CA PRO C 111 25.38 -11.75 0.51
C PRO C 111 24.28 -12.47 1.30
N VAL C 112 23.27 -12.95 0.60
CA VAL C 112 22.13 -13.53 1.29
C VAL C 112 22.39 -15.04 1.37
N THR C 113 22.16 -15.59 2.55
CA THR C 113 22.29 -17.01 2.83
C THR C 113 20.92 -17.70 3.05
N LEU C 114 20.71 -18.83 2.38
CA LEU C 114 19.46 -19.55 2.51
C LEU C 114 19.71 -21.03 2.78
N TYR C 115 18.78 -21.63 3.50
CA TYR C 115 18.88 -23.00 3.93
C TYR C 115 17.71 -23.76 3.34
N HIS C 116 18.00 -24.84 2.60
CA HIS C 116 17.02 -25.71 2.01
C HIS C 116 17.26 -27.21 2.22
N LEU C 117 16.33 -27.88 2.88
CA LEU C 117 16.34 -29.33 2.93
C LEU C 117 15.90 -29.86 1.59
N LEU C 118 16.74 -30.66 0.97
CA LEU C 118 16.40 -31.26 -0.31
C LEU C 118 15.46 -32.39 -0.12
N LYS C 119 14.32 -32.37 -0.77
CA LYS C 119 13.30 -33.37 -0.61
C LYS C 119 13.24 -34.24 -1.82
N LEU C 120 13.32 -35.53 -1.58
CA LEU C 120 13.10 -36.55 -2.60
C LEU C 120 11.82 -37.36 -2.39
N PHE C 121 11.26 -37.30 -1.20
CA PHE C 121 10.06 -38.10 -0.83
C PHE C 121 8.84 -37.22 -0.53
N GLN C 122 7.66 -37.73 -0.86
CA GLN C 122 6.40 -37.00 -0.57
C GLN C 122 6.15 -36.73 0.92
N SER C 123 5.74 -35.51 1.24
CA SER C 123 5.45 -35.12 2.61
C SER C 123 4.05 -35.59 3.12
N ASP C 124 3.89 -35.37 4.42
CA ASP C 124 2.61 -35.37 5.21
C ASP C 124 1.38 -34.99 4.44
N THR C 125 1.49 -33.82 3.83
CA THR C 125 0.38 -33.03 3.36
C THR C 125 0.04 -33.30 1.89
N ASN C 126 1.02 -33.76 1.10
CA ASN C 126 0.89 -33.90 -0.38
C ASN C 126 0.95 -35.37 -0.91
N ALA C 127 0.69 -36.38 -0.07
CA ALA C 127 0.85 -37.81 -0.50
C ALA C 127 -0.20 -38.32 -1.51
N MET C 128 -1.37 -37.65 -1.56
CA MET C 128 -2.41 -37.86 -2.59
C MET C 128 -2.10 -37.14 -3.93
N LEU C 129 -1.58 -35.91 -3.84
CA LEU C 129 -1.24 -35.07 -5.01
C LEU C 129 -0.06 -35.58 -5.85
N GLY C 130 0.74 -36.49 -5.28
CA GLY C 130 1.97 -36.96 -5.91
C GLY C 130 1.80 -37.60 -7.28
N LYS C 131 2.67 -37.19 -8.20
CA LYS C 131 2.76 -37.73 -9.58
C LYS C 131 4.19 -38.34 -9.77
N LYS C 132 4.76 -38.87 -8.68
CA LYS C 132 6.18 -39.25 -8.62
C LYS C 132 7.17 -38.07 -8.76
N THR C 133 6.69 -36.82 -8.93
CA THR C 133 7.56 -35.63 -8.82
C THR C 133 7.19 -34.83 -7.58
N VAL C 134 8.20 -34.46 -6.82
CA VAL C 134 8.03 -33.77 -5.58
C VAL C 134 8.58 -32.37 -5.77
N VAL C 135 7.91 -31.37 -5.19
CA VAL C 135 8.46 -30.02 -5.20
C VAL C 135 8.39 -29.47 -3.81
N SER C 136 9.47 -28.83 -3.41
CA SER C 136 9.54 -28.16 -2.14
C SER C 136 10.17 -26.81 -2.42
N GLU C 137 9.35 -25.76 -2.32
CA GLU C 137 9.83 -24.42 -2.54
C GLU C 137 9.25 -23.42 -1.58
N PHE C 138 9.91 -22.29 -1.49
CA PHE C 138 9.61 -21.31 -0.46
C PHE C 138 9.77 -19.97 -1.09
N TYR C 139 9.04 -18.99 -0.56
CA TYR C 139 9.09 -17.62 -1.07
C TYR C 139 10.05 -16.82 -0.21
N ASP C 140 10.68 -15.82 -0.78
CA ASP C 140 11.48 -14.92 0.02
C ASP C 140 11.73 -13.68 -0.80
N GLU C 141 12.42 -12.69 -0.20
CA GLU C 141 12.68 -11.39 -0.80
C GLU C 141 14.11 -10.99 -0.52
N MET C 142 14.83 -10.60 -1.56
CA MET C 142 16.15 -10.06 -1.44
C MET C 142 16.00 -8.58 -1.33
N ILE C 143 16.59 -8.01 -0.27
CA ILE C 143 16.50 -6.58 0.03
C ILE C 143 17.89 -6.03 -0.18
N PHE C 144 18.02 -5.00 -1.00
CA PHE C 144 19.32 -4.44 -1.20
C PHE C 144 19.22 -2.98 -1.64
N GLN C 145 20.26 -2.19 -1.37
CA GLN C 145 20.25 -0.74 -1.69
C GLN C 145 20.65 -0.47 -3.14
N ASP C 146 20.06 0.58 -3.71
CA ASP C 146 20.27 0.95 -5.14
C ASP C 146 19.65 2.36 -5.40
N THR D 20 -9.17 52.03 11.56
CA THR D 20 -8.92 50.67 10.97
C THR D 20 -9.92 50.39 9.83
N ILE D 21 -9.41 49.85 8.72
CA ILE D 21 -10.21 49.64 7.52
C ILE D 21 -10.49 48.15 7.32
N VAL D 22 -11.73 47.84 6.91
CA VAL D 22 -12.12 46.45 6.59
C VAL D 22 -12.53 46.36 5.11
N LYS D 23 -12.10 45.29 4.45
CA LYS D 23 -12.39 45.05 3.04
C LYS D 23 -12.98 43.66 2.86
N PRO D 24 -14.31 43.57 2.68
CA PRO D 24 -14.91 42.24 2.43
C PRO D 24 -14.49 41.58 1.12
N ILE D 25 -14.45 40.26 1.12
CA ILE D 25 -14.12 39.49 -0.06
C ILE D 25 -14.90 38.22 -0.11
N VAL D 26 -14.95 37.64 -1.29
CA VAL D 26 -15.54 36.35 -1.50
C VAL D 26 -14.44 35.57 -2.14
N TYR D 27 -14.34 34.30 -1.83
CA TYR D 27 -13.30 33.47 -2.40
C TYR D 27 -13.87 32.09 -2.51
N GLY D 28 -13.36 31.34 -3.46
CA GLY D 28 -13.84 29.95 -3.63
C GLY D 28 -13.52 29.42 -5.00
N ASN D 29 -14.34 28.48 -5.49
CA ASN D 29 -14.23 27.99 -6.83
C ASN D 29 -15.58 27.61 -7.47
N VAL D 30 -15.52 27.46 -8.78
CA VAL D 30 -16.59 26.88 -9.58
C VAL D 30 -15.95 25.68 -10.31
N ALA D 31 -16.75 24.69 -10.68
CA ALA D 31 -16.24 23.54 -11.43
C ALA D 31 -17.34 22.85 -12.23
N ARG D 32 -16.92 22.05 -13.21
CA ARG D 32 -17.85 21.50 -14.20
C ARG D 32 -17.28 20.21 -14.70
N TYR D 33 -18.14 19.18 -14.72
CA TYR D 33 -17.85 17.86 -15.27
C TYR D 33 -17.48 17.98 -16.77
N PHE D 34 -16.70 17.04 -17.29
CA PHE D 34 -16.31 17.05 -18.72
C PHE D 34 -17.41 16.55 -19.67
N GLY D 35 -18.23 15.61 -19.20
CA GLY D 35 -19.33 15.04 -19.99
C GLY D 35 -19.11 13.55 -20.11
N LYS D 36 -17.87 13.20 -20.43
CA LYS D 36 -17.31 11.87 -20.21
C LYS D 36 -15.89 12.10 -19.64
N LYS D 37 -15.36 11.09 -18.92
CA LYS D 37 -13.96 11.16 -18.43
C LYS D 37 -12.94 11.14 -19.60
N ARG D 38 -11.82 11.84 -19.39
CA ARG D 38 -10.71 11.90 -20.34
C ARG D 38 -9.67 10.82 -20.00
N GLU D 39 -9.24 10.09 -21.04
CA GLU D 39 -8.36 8.92 -20.90
C GLU D 39 -6.89 9.25 -20.60
N GLU D 40 -6.38 10.30 -21.25
CA GLU D 40 -4.96 10.71 -21.15
C GLU D 40 -4.39 10.75 -19.71
N ASP D 41 -5.10 11.44 -18.83
CA ASP D 41 -4.66 11.68 -17.43
C ASP D 41 -5.75 11.33 -16.37
N GLY D 42 -6.89 10.81 -16.82
CA GLY D 42 -8.01 10.54 -15.93
C GLY D 42 -8.69 11.77 -15.37
N HIS D 43 -8.52 12.92 -16.05
CA HIS D 43 -9.03 14.21 -15.58
C HIS D 43 -10.56 14.25 -15.81
N THR D 44 -11.31 14.61 -14.77
CA THR D 44 -12.80 14.55 -14.78
C THR D 44 -13.46 15.94 -14.93
N HIS D 45 -12.75 16.99 -14.52
CA HIS D 45 -13.37 18.29 -14.34
C HIS D 45 -12.46 19.46 -14.73
N GLN D 46 -13.08 20.55 -15.18
CA GLN D 46 -12.41 21.83 -15.23
C GLN D 46 -12.86 22.66 -14.00
N TRP D 47 -11.91 23.42 -13.45
CA TRP D 47 -12.22 24.32 -12.32
C TRP D 47 -11.46 25.65 -12.33
N THR D 48 -11.99 26.62 -11.58
CA THR D 48 -11.34 27.92 -11.40
C THR D 48 -11.47 28.35 -9.94
N VAL D 49 -10.34 28.77 -9.37
CA VAL D 49 -10.28 29.25 -8.02
C VAL D 49 -10.11 30.78 -8.11
N TYR D 50 -10.69 31.53 -7.17
CA TYR D 50 -10.73 32.97 -7.30
C TYR D 50 -10.92 33.68 -5.96
N VAL D 51 -10.57 34.96 -5.94
CA VAL D 51 -10.89 35.88 -4.88
C VAL D 51 -11.44 37.16 -5.52
N LYS D 52 -12.55 37.70 -4.99
CA LYS D 52 -13.07 38.97 -5.51
C LYS D 52 -13.52 39.87 -4.39
N PRO D 53 -13.58 41.16 -4.66
CA PRO D 53 -14.18 41.99 -3.59
C PRO D 53 -15.69 41.69 -3.49
N TYR D 54 -16.32 41.84 -2.32
CA TYR D 54 -17.73 41.46 -2.13
C TYR D 54 -18.60 42.38 -3.01
N ARG D 55 -18.32 43.67 -2.96
CA ARG D 55 -18.82 44.69 -3.84
C ARG D 55 -17.69 45.08 -4.76
N ASN D 56 -17.97 45.20 -6.05
CA ASN D 56 -16.93 45.34 -7.05
C ASN D 56 -16.20 46.67 -6.89
N GLU D 57 -14.87 46.61 -6.98
CA GLU D 57 -13.98 47.75 -6.83
C GLU D 57 -12.57 47.33 -7.28
N ASP D 58 -11.69 48.32 -7.45
CA ASP D 58 -10.32 48.05 -7.78
C ASP D 58 -9.51 47.59 -6.55
N MET D 59 -9.45 46.27 -6.30
CA MET D 59 -8.62 45.69 -5.21
C MET D 59 -7.14 46.01 -5.39
N SER D 60 -6.71 46.13 -6.66
CA SER D 60 -5.29 46.28 -6.99
C SER D 60 -4.66 47.58 -6.48
N ALA D 61 -5.48 48.51 -5.99
CA ALA D 61 -4.95 49.71 -5.36
C ALA D 61 -4.49 49.45 -3.93
N TYR D 62 -4.91 48.33 -3.37
CA TYR D 62 -4.41 47.96 -2.06
C TYR D 62 -3.86 46.52 -1.96
N VAL D 63 -3.88 45.77 -3.06
CA VAL D 63 -3.41 44.37 -3.06
C VAL D 63 -2.37 44.32 -4.13
N LYS D 64 -1.18 43.86 -3.74
CA LYS D 64 -0.03 43.77 -4.63
C LYS D 64 -0.12 42.52 -5.47
N LYS D 65 -0.50 41.42 -4.83
CA LYS D 65 -0.61 40.16 -5.54
C LYS D 65 -1.31 39.15 -4.66
N ILE D 66 -1.73 38.06 -5.30
CA ILE D 66 -2.40 37.00 -4.63
C ILE D 66 -1.75 35.74 -5.17
N GLN D 67 -1.32 34.88 -4.25
CA GLN D 67 -0.64 33.63 -4.58
C GLN D 67 -1.59 32.51 -4.24
N PHE D 68 -1.65 31.52 -5.13
CA PHE D 68 -2.56 30.42 -5.01
C PHE D 68 -1.71 29.15 -5.01
N LYS D 69 -1.45 28.60 -3.85
CA LYS D 69 -0.60 27.41 -3.74
C LYS D 69 -1.42 26.20 -4.09
N LEU D 70 -1.14 25.58 -5.23
CA LEU D 70 -1.79 24.33 -5.57
C LEU D 70 -1.05 23.18 -4.91
N HIS D 71 -1.65 22.01 -5.04
CA HIS D 71 -1.17 20.78 -4.46
C HIS D 71 0.10 20.27 -5.17
N GLU D 72 1.05 19.74 -4.38
CA GLU D 72 2.37 19.25 -4.89
C GLU D 72 2.31 18.47 -6.22
N SER D 73 1.20 17.79 -6.53
CA SER D 73 1.01 17.18 -7.86
C SER D 73 0.90 18.13 -9.09
N TYR D 74 0.80 19.46 -8.93
CA TYR D 74 0.73 20.38 -10.08
C TYR D 74 2.13 20.96 -10.36
N GLY D 75 2.53 20.98 -11.63
CA GLY D 75 3.67 21.78 -12.04
C GLY D 75 3.50 23.24 -11.62
N ASN D 76 4.60 23.87 -11.17
CA ASN D 76 4.59 25.26 -10.65
C ASN D 76 3.44 25.50 -9.68
N PRO D 77 3.43 24.75 -8.56
CA PRO D 77 2.25 24.84 -7.67
C PRO D 77 2.03 26.22 -7.09
N LEU D 78 3.06 27.07 -7.06
CA LEU D 78 2.86 28.46 -6.73
C LEU D 78 2.40 29.25 -7.96
N ARG D 79 1.14 29.71 -7.94
CA ARG D 79 0.56 30.55 -8.99
C ARG D 79 0.28 31.90 -8.41
N VAL D 80 0.67 32.95 -9.11
CA VAL D 80 0.51 34.29 -8.60
C VAL D 80 -0.12 35.18 -9.68
N VAL D 81 -1.06 35.99 -9.22
CA VAL D 81 -1.86 36.88 -10.05
C VAL D 81 -1.68 38.27 -9.49
N THR D 82 -1.33 39.24 -10.34
CA THR D 82 -1.04 40.62 -9.90
C THR D 82 -2.10 41.65 -10.25
N LYS D 83 -3.05 41.25 -11.09
CA LYS D 83 -4.10 42.15 -11.60
C LYS D 83 -5.38 41.33 -11.85
N PRO D 84 -6.56 41.94 -11.64
CA PRO D 84 -7.87 41.29 -11.80
C PRO D 84 -8.05 40.75 -13.18
N PRO D 85 -8.81 39.67 -13.33
CA PRO D 85 -9.51 38.84 -12.32
C PRO D 85 -8.52 37.93 -11.54
N TYR D 86 -8.59 37.92 -10.20
CA TYR D 86 -7.65 37.14 -9.34
C TYR D 86 -8.17 35.73 -9.23
N GLU D 87 -7.78 34.92 -10.23
CA GLU D 87 -8.28 33.60 -10.42
C GLU D 87 -7.24 32.72 -11.11
N ILE D 88 -7.39 31.41 -10.99
CA ILE D 88 -6.50 30.46 -11.61
C ILE D 88 -7.37 29.34 -12.13
N THR D 89 -7.11 28.87 -13.35
CA THR D 89 -7.87 27.79 -14.00
C THR D 89 -7.00 26.60 -14.34
N GLU D 90 -7.60 25.41 -14.26
CA GLU D 90 -6.89 24.13 -14.33
C GLU D 90 -7.86 23.00 -14.62
N THR D 91 -7.33 21.81 -14.85
CA THR D 91 -8.17 20.61 -14.90
C THR D 91 -7.72 19.66 -13.80
N GLY D 92 -8.54 18.64 -13.56
CA GLY D 92 -8.29 17.72 -12.44
C GLY D 92 -9.26 16.56 -12.35
N TRP D 93 -8.96 15.62 -11.46
CA TRP D 93 -9.83 14.43 -11.15
C TRP D 93 -10.32 14.39 -9.69
N GLY D 94 -9.57 15.05 -8.78
CA GLY D 94 -9.90 15.07 -7.36
C GLY D 94 -9.89 16.43 -6.68
N GLU D 95 -10.49 16.43 -5.48
CA GLU D 95 -10.60 17.58 -4.62
C GLU D 95 -9.36 17.66 -3.80
N PHE D 96 -8.99 18.86 -3.41
CA PHE D 96 -7.83 19.08 -2.58
C PHE D 96 -7.81 20.54 -2.19
N GLU D 97 -6.90 20.86 -1.30
CA GLU D 97 -6.84 22.14 -0.68
C GLU D 97 -5.91 23.05 -1.50
N ILE D 98 -6.29 24.34 -1.57
CA ILE D 98 -5.51 25.42 -2.18
C ILE D 98 -5.28 26.41 -1.11
N ILE D 99 -4.06 26.90 -0.96
CA ILE D 99 -3.76 27.89 0.09
C ILE D 99 -3.56 29.23 -0.59
N ILE D 100 -4.26 30.24 -0.11
CA ILE D 100 -4.36 31.53 -0.78
C ILE D 100 -3.74 32.56 0.09
N LYS D 101 -2.83 33.37 -0.47
CA LYS D 101 -2.18 34.37 0.37
C LYS D 101 -2.28 35.68 -0.30
N ILE D 102 -2.70 36.68 0.43
CA ILE D 102 -3.03 37.94 -0.14
C ILE D 102 -2.06 38.94 0.43
N PHE D 103 -1.26 39.55 -0.45
CA PHE D 103 -0.16 40.41 -0.09
C PHE D 103 -0.58 41.77 -0.47
N PHE D 104 -0.31 42.73 0.41
CA PHE D 104 -0.77 44.10 0.24
C PHE D 104 0.34 45.06 -0.28
N ILE D 105 -0.09 46.19 -0.84
CA ILE D 105 0.81 47.21 -1.39
C ILE D 105 1.55 47.94 -0.26
N ASP D 106 0.81 48.23 0.80
CA ASP D 106 1.38 48.65 2.07
C ASP D 106 2.28 47.50 2.57
N PRO D 107 3.61 47.70 2.56
CA PRO D 107 4.53 46.58 2.84
C PRO D 107 4.43 46.04 4.28
N ASN D 108 4.09 46.93 5.21
CA ASN D 108 4.00 46.63 6.64
C ASN D 108 2.99 45.52 6.94
N GLU D 109 1.81 45.63 6.33
CA GLU D 109 0.74 44.66 6.50
C GLU D 109 1.19 43.22 6.28
N ARG D 110 1.04 42.39 7.32
CA ARG D 110 1.22 40.96 7.19
C ARG D 110 0.18 40.45 6.14
N PRO D 111 0.59 39.56 5.23
CA PRO D 111 -0.37 38.93 4.32
C PRO D 111 -1.49 38.12 4.98
N VAL D 112 -2.62 38.02 4.29
CA VAL D 112 -3.76 37.23 4.76
C VAL D 112 -3.67 35.90 4.06
N THR D 113 -3.97 34.84 4.82
CA THR D 113 -3.90 33.46 4.38
C THR D 113 -5.30 32.91 4.46
N LEU D 114 -5.68 32.09 3.48
CA LEU D 114 -7.00 31.47 3.44
C LEU D 114 -6.83 30.08 2.92
N TYR D 115 -7.72 29.19 3.33
CA TYR D 115 -7.70 27.80 2.96
C TYR D 115 -9.05 27.53 2.30
N HIS D 116 -9.00 26.89 1.12
CA HIS D 116 -10.16 26.52 0.39
C HIS D 116 -10.07 25.11 -0.22
N LEU D 117 -11.12 24.30 -0.01
CA LEU D 117 -11.14 22.93 -0.50
C LEU D 117 -11.81 22.95 -1.84
N LEU D 118 -11.07 22.58 -2.85
CA LEU D 118 -11.58 22.67 -4.18
C LEU D 118 -12.72 21.70 -4.33
N LYS D 119 -13.92 22.20 -4.57
CA LYS D 119 -15.09 21.35 -4.66
C LYS D 119 -15.32 20.98 -6.10
N LEU D 120 -15.71 19.72 -6.32
CA LEU D 120 -15.85 19.16 -7.65
C LEU D 120 -17.12 18.39 -7.98
N PHE D 121 -17.63 17.55 -7.08
CA PHE D 121 -18.76 16.67 -7.41
C PHE D 121 -19.93 17.23 -6.62
N GLN D 122 -21.12 17.10 -7.18
CA GLN D 122 -22.29 17.79 -6.60
C GLN D 122 -23.20 16.88 -5.79
N SER D 123 -23.95 17.51 -4.89
CA SER D 123 -25.08 16.90 -4.21
C SER D 123 -26.16 16.49 -5.24
N ASP D 124 -26.91 15.44 -4.92
CA ASP D 124 -28.00 14.96 -5.79
C ASP D 124 -29.32 15.73 -5.70
N THR D 125 -29.46 16.59 -4.69
CA THR D 125 -30.59 17.56 -4.61
C THR D 125 -30.55 18.62 -5.75
N ASN D 126 -29.35 19.09 -6.08
CA ASN D 126 -29.11 20.02 -7.20
C ASN D 126 -29.27 19.32 -8.58
N ALA D 127 -28.71 18.11 -8.72
CA ALA D 127 -28.85 17.30 -9.95
C ALA D 127 -30.29 16.85 -10.24
N LYS D 132 -25.72 22.31 -13.93
CA LYS D 132 -24.74 21.37 -14.48
C LYS D 132 -23.33 21.64 -13.94
N THR D 133 -23.12 22.78 -13.26
CA THR D 133 -21.82 23.20 -12.70
C THR D 133 -21.88 23.42 -11.16
N VAL D 134 -20.74 23.22 -10.51
CA VAL D 134 -20.60 23.28 -9.04
C VAL D 134 -20.04 24.62 -8.58
N VAL D 135 -20.53 25.12 -7.45
CA VAL D 135 -20.04 26.33 -6.81
C VAL D 135 -19.75 26.08 -5.33
N SER D 136 -18.61 26.57 -4.86
CA SER D 136 -18.32 26.55 -3.43
C SER D 136 -17.55 27.81 -3.17
N GLU D 137 -18.14 28.69 -2.36
CA GLU D 137 -17.53 29.98 -2.07
C GLU D 137 -17.87 30.50 -0.68
N PHE D 138 -17.04 31.42 -0.21
CA PHE D 138 -17.08 31.83 1.16
C PHE D 138 -16.80 33.31 1.30
N TYR D 139 -17.37 33.88 2.34
CA TYR D 139 -17.19 35.28 2.63
C TYR D 139 -16.16 35.40 3.68
N ASP D 140 -15.44 36.52 3.66
CA ASP D 140 -14.43 36.79 4.66
C ASP D 140 -14.08 38.24 4.55
N GLU D 141 -13.24 38.72 5.48
CA GLU D 141 -12.91 40.12 5.58
C GLU D 141 -11.42 40.30 5.83
N MET D 142 -10.80 41.18 5.05
CA MET D 142 -9.41 41.58 5.21
C MET D 142 -9.34 42.85 6.02
N ILE D 143 -8.56 42.83 7.11
CA ILE D 143 -8.49 43.96 8.07
C ILE D 143 -7.11 44.65 7.99
N PHE D 144 -7.12 45.98 7.93
CA PHE D 144 -5.92 46.84 8.04
C PHE D 144 -6.17 47.90 9.14
N GLN D 145 -5.12 48.61 9.54
CA GLN D 145 -5.31 49.80 10.37
C GLN D 145 -5.57 51.04 9.50
N ALA E 1 -14.83 23.62 10.71
CA ALA E 1 -13.53 24.37 10.47
C ALA E 1 -12.35 23.39 10.30
N THR E 2 -12.03 23.04 9.06
CA THR E 2 -11.09 21.97 8.75
C THR E 2 -9.92 22.38 7.83
N ALA E 4 -8.11 20.26 4.55
CA ALA E 4 -8.40 19.05 3.78
C ALA E 4 -7.17 18.14 3.68
N ALA E 5 -6.00 18.69 3.96
CA ALA E 5 -4.79 17.90 4.32
C ALA E 5 -4.07 17.18 3.19
N ARG E 6 -4.77 16.37 2.40
CA ARG E 6 -4.18 15.72 1.21
C ARG E 6 -5.17 15.83 0.03
N SER E 8 -8.06 14.21 -2.23
CA SER E 8 -9.17 13.28 -2.07
C SER E 8 -9.55 12.71 -3.45
N ALA E 9 -10.69 12.02 -3.52
CA ALA E 9 -11.13 11.31 -4.72
C ALA E 9 -12.64 11.52 -4.91
N PRO E 10 -13.23 10.96 -5.98
CA PRO E 10 -14.71 10.93 -6.14
C PRO E 10 -15.46 9.90 -5.27
#